data_1C5Y
#
_entry.id   1C5Y
#
_cell.length_a   82.070
_cell.length_b   49.570
_cell.length_c   66.320
_cell.angle_alpha   90.00
_cell.angle_beta   113.20
_cell.angle_gamma   90.00
#
_symmetry.space_group_name_H-M   'C 1 2 1'
#
loop_
_entity.id
_entity.type
_entity.pdbx_description
1 polymer 'PROTEIN (UROKINASE-TYPE PLASMINOGEN ACTIVATOR)'
2 polymer 'PROTEIN (UROKINASE-TYPE PLASMINOGEN ACTIVATOR)'
3 non-polymer 'CITRATE ANION'
4 non-polymer THIENO[2,3-B]PYRIDINE-2-CARBOXAMIDINE
5 water water
#
loop_
_entity_poly.entity_id
_entity_poly.type
_entity_poly.pdbx_seq_one_letter_code
_entity_poly.pdbx_strand_id
1 'polypeptide(L)' KPSSPPEELKFQCGQKTLRPRFK A
2 'polypeptide(L)'
;IIGGEFTTIENQPWFAAIYRRHRGGSVTYVCGGSLMSPCWVISATHCFIDYPKKEDYIVYLGRSRLNSNTQGEMKFEVEN
LILHKDYSADTLAHHNDIALLKIRSKEGRCAQPSRTIQTICLPSMYNDPQFGTSCEITGFGKEASTDYLYPEQLKMTVVK
LISHRECQQPHYYGSEVTTKMLCAADPQWKTDSCQGDSGGPLVCSLQGRMTLTGIVSWGRGCALKDKPGVYTRVSHFLPW
IRSHTKEENGLAL
;
B
#
# COMPACT_ATOMS: atom_id res chain seq x y z
N LEU A 9 -16.18 13.84 10.15
CA LEU A 9 -17.63 13.66 10.44
C LEU A 9 -17.93 12.27 9.87
N LYS A 10 -18.04 12.17 8.58
CA LYS A 10 -18.32 10.89 7.88
C LYS A 10 -17.13 10.82 6.92
N PHE A 11 -16.90 9.67 6.35
CA PHE A 11 -15.76 9.53 5.43
C PHE A 11 -16.08 10.17 4.09
N GLN A 12 -15.08 10.77 3.51
CA GLN A 12 -15.17 11.45 2.19
C GLN A 12 -13.88 10.90 1.64
N CYS A 13 -13.95 9.95 0.76
CA CYS A 13 -12.66 9.42 0.25
C CYS A 13 -11.75 10.42 -0.43
N GLY A 14 -10.49 10.24 -0.16
CA GLY A 14 -9.43 11.12 -0.75
C GLY A 14 -9.26 12.49 -0.13
N GLN A 15 -9.97 12.78 0.93
CA GLN A 15 -9.86 14.13 1.57
C GLN A 15 -8.89 14.16 2.77
N LYS A 16 -7.99 15.10 2.73
CA LYS A 16 -6.99 15.25 3.85
C LYS A 16 -7.57 16.50 4.56
N THR A 17 -7.44 16.62 5.84
CA THR A 17 -8.00 17.79 6.54
C THR A 17 -6.85 18.43 7.37
N ILE B 1 11.03 4.03 2.29
CA ILE B 1 11.03 4.95 1.11
C ILE B 1 12.43 5.49 1.09
N ILE B 2 12.97 5.68 -0.08
CA ILE B 2 14.35 6.22 -0.21
C ILE B 2 14.05 7.66 -0.57
N GLY B 3 14.73 8.58 0.06
CA GLY B 3 14.49 10.03 -0.23
C GLY B 3 13.16 10.30 0.38
N GLY B 4 12.45 11.26 -0.13
CA GLY B 4 11.12 11.52 0.47
C GLY B 4 11.30 12.46 1.62
N GLU B 5 10.22 12.68 2.29
CA GLU B 5 10.20 13.58 3.45
C GLU B 5 9.54 12.78 4.57
N PHE B 6 9.70 13.25 5.75
CA PHE B 6 9.07 12.56 6.93
C PHE B 6 7.72 13.28 7.00
N THR B 7 6.64 12.59 7.23
CA THR B 7 5.30 13.24 7.33
C THR B 7 4.63 12.75 8.60
N THR B 8 3.34 12.96 8.66
CA THR B 8 2.51 12.55 9.81
C THR B 8 1.32 11.93 9.09
N ILE B 9 0.51 11.22 9.81
CA ILE B 9 -0.67 10.56 9.22
C ILE B 9 -1.72 11.59 8.70
N GLU B 10 -1.80 12.78 9.25
CA GLU B 10 -2.83 13.76 8.72
C GLU B 10 -2.66 13.89 7.20
N ASN B 11 -1.45 13.66 6.78
CA ASN B 11 -1.12 13.75 5.33
C ASN B 11 -1.47 12.52 4.52
N GLN B 12 -1.73 11.43 5.19
CA GLN B 12 -2.09 10.13 4.51
C GLN B 12 -3.11 9.38 5.34
N PRO B 13 -4.23 9.98 5.60
CA PRO B 13 -5.12 9.49 6.68
C PRO B 13 -5.70 8.11 6.36
N TRP B 14 -5.51 7.65 5.17
CA TRP B 14 -6.02 6.31 4.75
C TRP B 14 -4.93 5.24 4.86
N PHE B 15 -3.77 5.61 5.33
CA PHE B 15 -2.65 4.62 5.47
C PHE B 15 -2.85 3.71 6.72
N ALA B 16 -2.74 2.43 6.48
CA ALA B 16 -2.90 1.39 7.53
C ALA B 16 -1.55 0.70 7.70
N ALA B 17 -1.22 0.47 8.94
CA ALA B 17 0.07 -0.18 9.36
C ALA B 17 -0.39 -1.58 9.88
N ILE B 18 0.18 -2.60 9.29
CA ILE B 18 -0.14 -4.00 9.66
C ILE B 18 1.09 -4.59 10.39
N TYR B 19 0.83 -5.19 11.52
CA TYR B 19 1.90 -5.80 12.36
C TYR B 19 1.53 -7.25 12.67
N ARG B 20 2.50 -8.01 13.08
CA ARG B 20 2.25 -9.43 13.43
C ARG B 20 2.71 -9.62 14.89
N ARG B 21 1.99 -10.44 15.60
CA ARG B 21 2.32 -10.72 17.03
C ARG B 21 3.21 -11.95 17.00
N HIS B 22 4.04 -12.08 18.00
CA HIS B 22 4.95 -13.28 18.05
C HIS B 22 4.73 -13.87 19.41
N ARG B 23 4.88 -15.16 19.49
CA ARG B 23 4.69 -15.83 20.79
C ARG B 23 6.09 -15.47 21.29
N GLY B 24 6.14 -14.78 22.38
CA GLY B 24 7.45 -14.35 22.96
C GLY B 24 7.30 -12.91 23.49
N GLY B 25 6.34 -12.17 22.98
CA GLY B 25 6.12 -10.77 23.47
C GLY B 25 6.25 -9.66 22.42
N SER B 26 6.97 -9.90 21.35
CA SER B 26 7.09 -8.80 20.35
C SER B 26 6.11 -8.78 19.17
N VAL B 27 5.91 -7.58 18.70
CA VAL B 27 5.00 -7.34 17.55
C VAL B 27 5.99 -6.74 16.54
N THR B 28 5.91 -7.11 15.29
CA THR B 28 6.86 -6.54 14.30
C THR B 28 6.00 -6.00 13.18
N TYR B 29 6.53 -5.04 12.50
CA TYR B 29 5.78 -4.42 11.37
C TYR B 29 5.84 -5.43 10.23
N VAL B 30 4.80 -5.52 9.47
CA VAL B 30 4.75 -6.46 8.33
C VAL B 30 4.69 -5.63 7.05
N CYS B 31 3.58 -4.99 6.81
CA CYS B 31 3.38 -4.16 5.59
C CYS B 31 2.43 -2.98 5.83
N GLY B 32 2.27 -2.23 4.79
CA GLY B 32 1.38 -1.06 4.82
C GLY B 32 0.10 -1.50 4.13
N GLY B 33 -0.88 -0.64 4.14
CA GLY B 33 -2.20 -0.93 3.50
C GLY B 33 -2.95 0.38 3.37
N SER B 34 -4.14 0.31 2.84
CA SER B 34 -4.97 1.53 2.67
C SER B 34 -6.40 1.19 3.04
N LEU B 35 -7.11 2.12 3.63
CA LEU B 35 -8.56 1.93 4.04
C LEU B 35 -9.47 2.28 2.82
N MET B 36 -10.27 1.34 2.41
CA MET B 36 -11.23 1.50 1.25
C MET B 36 -12.62 1.96 1.65
N SER B 37 -13.09 1.35 2.70
CA SER B 37 -14.43 1.63 3.27
C SER B 37 -14.17 1.50 4.79
N PRO B 38 -15.13 1.78 5.62
CA PRO B 38 -14.97 1.65 7.09
C PRO B 38 -14.41 0.31 7.61
N CYS B 39 -14.82 -0.79 7.03
CA CYS B 39 -14.32 -2.11 7.51
C CYS B 39 -13.31 -2.79 6.65
N TRP B 40 -12.89 -2.24 5.55
CA TRP B 40 -11.90 -2.97 4.73
C TRP B 40 -10.63 -2.20 4.43
N VAL B 41 -9.52 -2.88 4.50
CA VAL B 41 -8.17 -2.30 4.21
C VAL B 41 -7.68 -3.19 3.03
N ILE B 42 -6.92 -2.65 2.11
CA ILE B 42 -6.42 -3.45 0.97
C ILE B 42 -4.88 -3.36 1.12
N SER B 43 -4.23 -4.44 0.79
CA SER B 43 -2.75 -4.53 0.88
C SER B 43 -2.33 -5.52 -0.23
N ALA B 44 -1.21 -6.13 -0.04
CA ALA B 44 -0.66 -7.10 -1.00
C ALA B 44 -0.66 -8.53 -0.42
N THR B 45 -0.98 -9.50 -1.23
CA THR B 45 -1.02 -10.94 -0.79
C THR B 45 0.36 -11.42 -0.30
N HIS B 46 1.38 -11.02 -1.01
CA HIS B 46 2.74 -11.46 -0.63
C HIS B 46 3.11 -11.11 0.80
N CYS B 47 2.39 -10.21 1.39
CA CYS B 47 2.72 -9.84 2.79
C CYS B 47 2.22 -10.93 3.78
N PHE B 48 1.18 -11.61 3.39
CA PHE B 48 0.54 -12.69 4.22
C PHE B 48 0.85 -14.10 3.80
N ILE B 49 1.12 -14.26 2.54
CA ILE B 49 1.45 -15.58 1.95
C ILE B 49 2.16 -16.57 2.87
N ASP B 50 3.20 -16.13 3.52
CA ASP B 50 3.96 -17.06 4.43
C ASP B 50 3.35 -17.34 5.78
N TYR B 51 2.45 -16.53 6.21
CA TYR B 51 1.84 -16.79 7.54
C TYR B 51 0.39 -16.35 7.51
N PRO B 52 -0.44 -17.05 6.80
CA PRO B 52 -1.86 -16.65 6.65
C PRO B 52 -2.72 -16.95 7.89
N LYS B 53 -2.22 -16.64 9.04
CA LYS B 53 -2.94 -16.87 10.34
C LYS B 53 -3.45 -15.48 10.82
N LYS B 54 -4.57 -15.09 10.30
CA LYS B 54 -5.20 -13.78 10.64
C LYS B 54 -5.22 -13.39 12.12
N GLU B 55 -5.45 -14.36 12.96
CA GLU B 55 -5.48 -14.03 14.43
C GLU B 55 -4.19 -13.43 14.92
N ASP B 56 -3.14 -13.59 14.18
CA ASP B 56 -1.87 -13.01 14.68
C ASP B 56 -1.55 -11.64 14.15
N TYR B 57 -2.42 -11.05 13.38
CA TYR B 57 -2.06 -9.68 12.86
C TYR B 57 -2.90 -8.63 13.55
N ILE B 58 -2.30 -7.48 13.69
CA ILE B 58 -2.94 -6.29 14.34
C ILE B 58 -2.84 -5.15 13.30
N VAL B 59 -3.91 -4.41 13.14
CA VAL B 59 -3.90 -3.30 12.15
C VAL B 59 -4.14 -2.00 12.93
N TYR B 60 -3.37 -0.98 12.62
CA TYR B 60 -3.54 0.32 13.29
C TYR B 60 -3.77 1.38 12.19
N LEU B 61 -4.64 2.28 12.54
CA LEU B 61 -5.03 3.42 11.66
C LEU B 61 -4.66 4.63 12.54
N GLY B 62 -4.41 5.75 11.92
CA GLY B 62 -4.04 7.01 12.63
C GLY B 62 -2.66 6.91 13.23
N ARG B 63 -1.77 6.21 12.59
CA ARG B 63 -0.39 6.06 13.11
C ARG B 63 0.69 6.81 12.31
N SER B 64 1.40 7.68 13.00
CA SER B 64 2.49 8.46 12.34
C SER B 64 3.83 7.81 12.66
N ARG B 65 3.89 7.03 13.73
CA ARG B 65 5.17 6.36 14.12
C ARG B 65 4.97 4.89 14.08
N LEU B 66 6.07 4.23 13.93
CA LEU B 66 6.08 2.75 13.86
C LEU B 66 5.92 1.94 15.14
N ASN B 67 6.71 2.25 16.13
CA ASN B 67 6.64 1.50 17.45
C ASN B 67 6.29 2.37 18.65
N SER B 68 5.86 3.56 18.45
CA SER B 68 5.49 4.45 19.59
C SER B 68 4.08 4.79 19.20
N ASN B 69 3.26 5.14 20.15
CA ASN B 69 1.86 5.47 19.80
C ASN B 69 1.70 6.91 19.33
N THR B 70 0.62 7.09 18.65
CA THR B 70 0.22 8.40 18.09
C THR B 70 -1.17 8.58 18.72
N GLN B 71 -1.49 9.77 19.14
CA GLN B 71 -2.82 9.99 19.77
C GLN B 71 -3.83 9.97 18.62
N GLY B 72 -4.92 9.33 18.89
CA GLY B 72 -6.01 9.20 17.89
C GLY B 72 -5.91 7.86 17.19
N GLU B 73 -4.82 7.13 17.35
CA GLU B 73 -4.78 5.81 16.62
C GLU B 73 -5.90 4.82 17.03
N MET B 74 -6.20 3.89 16.15
CA MET B 74 -7.25 2.84 16.39
C MET B 74 -6.58 1.52 16.08
N LYS B 75 -6.85 0.55 16.91
CA LYS B 75 -6.27 -0.81 16.75
C LYS B 75 -7.40 -1.72 16.32
N PHE B 76 -7.11 -2.64 15.45
CA PHE B 76 -8.18 -3.58 14.97
C PHE B 76 -7.58 -4.96 14.83
N GLU B 77 -8.48 -5.88 14.72
CA GLU B 77 -8.11 -7.29 14.54
C GLU B 77 -8.58 -7.51 13.12
N VAL B 78 -8.08 -8.57 12.53
CA VAL B 78 -8.41 -8.96 11.13
C VAL B 78 -9.51 -10.03 11.24
N GLU B 79 -10.71 -9.61 10.91
CA GLU B 79 -11.89 -10.52 10.95
C GLU B 79 -11.80 -11.46 9.74
N ASN B 80 -11.39 -10.95 8.62
CA ASN B 80 -11.27 -11.80 7.38
C ASN B 80 -9.97 -11.37 6.73
N LEU B 81 -9.32 -12.31 6.10
CA LEU B 81 -8.02 -12.06 5.40
C LEU B 81 -8.28 -12.77 4.08
N ILE B 82 -8.37 -11.98 3.03
CA ILE B 82 -8.63 -12.53 1.66
C ILE B 82 -7.38 -12.30 0.82
N LEU B 83 -6.81 -13.39 0.40
CA LEU B 83 -5.57 -13.38 -0.44
C LEU B 83 -6.11 -13.68 -1.84
N HIS B 84 -5.35 -13.32 -2.84
CA HIS B 84 -5.81 -13.57 -4.23
C HIS B 84 -5.56 -14.98 -4.69
N LYS B 85 -6.61 -15.58 -5.18
CA LYS B 85 -6.49 -16.97 -5.68
C LYS B 85 -5.86 -16.59 -7.02
N ASP B 86 -4.77 -17.21 -7.36
CA ASP B 86 -4.03 -16.97 -8.62
C ASP B 86 -2.83 -16.12 -8.27
N TYR B 87 -2.50 -15.96 -7.01
CA TYR B 87 -1.32 -15.14 -6.66
C TYR B 87 -0.07 -15.97 -7.08
N SER B 88 0.88 -15.39 -7.73
CA SER B 88 2.09 -16.16 -8.14
C SER B 88 3.29 -15.26 -7.94
N ALA B 89 4.43 -15.86 -7.78
CA ALA B 89 5.67 -15.08 -7.58
C ALA B 89 6.65 -15.78 -8.49
N ASP B 90 7.54 -15.06 -9.07
CA ASP B 90 8.55 -15.70 -9.96
C ASP B 90 9.83 -15.12 -9.46
N THR B 91 10.83 -15.14 -10.26
CA THR B 91 12.15 -14.61 -9.86
C THR B 91 12.16 -13.09 -10.00
N LEU B 92 11.18 -12.46 -9.40
CA LEU B 92 10.99 -10.98 -9.40
C LEU B 92 9.55 -10.55 -9.20
N ALA B 93 8.72 -10.80 -10.19
CA ALA B 93 7.32 -10.35 -9.99
C ALA B 93 6.45 -11.23 -9.14
N HIS B 94 5.40 -10.59 -8.73
CA HIS B 94 4.35 -11.17 -7.88
C HIS B 94 3.20 -10.87 -8.84
N HIS B 95 2.28 -11.76 -9.04
CA HIS B 95 1.14 -11.57 -9.97
C HIS B 95 -0.03 -11.63 -9.04
N ASN B 96 -1.06 -10.89 -9.38
CA ASN B 96 -2.33 -10.81 -8.58
C ASN B 96 -1.97 -10.57 -7.11
N ASP B 97 -1.10 -9.62 -6.91
CA ASP B 97 -0.64 -9.28 -5.53
C ASP B 97 -1.55 -8.27 -4.82
N ILE B 98 -2.74 -8.69 -4.51
CA ILE B 98 -3.70 -7.79 -3.82
C ILE B 98 -4.40 -8.63 -2.72
N ALA B 99 -4.67 -8.05 -1.60
CA ALA B 99 -5.35 -8.77 -0.49
C ALA B 99 -6.28 -7.79 0.20
N LEU B 100 -7.28 -8.33 0.85
CA LEU B 100 -8.27 -7.48 1.58
C LEU B 100 -8.27 -7.95 3.02
N LEU B 101 -8.38 -7.04 3.93
CA LEU B 101 -8.41 -7.38 5.37
C LEU B 101 -9.67 -6.71 5.89
N LYS B 102 -10.54 -7.48 6.50
CA LYS B 102 -11.78 -6.88 7.04
C LYS B 102 -11.35 -6.68 8.49
N ILE B 103 -11.53 -5.50 9.01
CA ILE B 103 -11.12 -5.19 10.39
C ILE B 103 -12.29 -5.10 11.36
N ARG B 104 -11.99 -5.41 12.60
CA ARG B 104 -13.00 -5.38 13.68
C ARG B 104 -12.25 -4.91 14.92
N SER B 105 -12.79 -3.95 15.60
CA SER B 105 -12.16 -3.40 16.83
C SER B 105 -12.59 -4.33 18.00
N LYS B 106 -11.94 -4.20 19.12
CA LYS B 106 -12.33 -5.09 20.25
C LYS B 106 -13.71 -4.75 20.77
N GLU B 107 -14.32 -3.74 20.21
CA GLU B 107 -15.69 -3.35 20.64
C GLU B 107 -16.69 -3.72 19.55
N GLY B 108 -16.22 -4.34 18.50
CA GLY B 108 -17.13 -4.75 17.38
C GLY B 108 -17.35 -3.68 16.33
N ARG B 109 -16.45 -2.76 16.22
CA ARG B 109 -16.69 -1.70 15.20
C ARG B 109 -15.58 -1.64 14.17
N CYS B 110 -15.88 -0.91 13.14
CA CYS B 110 -14.93 -0.72 12.02
C CYS B 110 -14.35 0.69 12.26
N ALA B 111 -13.62 1.19 11.28
CA ALA B 111 -12.98 2.55 11.41
C ALA B 111 -14.04 3.67 11.52
N GLN B 112 -13.64 4.69 12.22
CA GLN B 112 -14.47 5.90 12.47
C GLN B 112 -13.66 7.04 11.82
N PRO B 113 -14.32 8.01 11.21
CA PRO B 113 -13.63 9.12 10.51
C PRO B 113 -12.98 10.10 11.50
N SER B 114 -11.81 10.56 11.27
CA SER B 114 -11.21 11.53 12.22
C SER B 114 -10.27 12.39 11.34
N ARG B 115 -9.44 13.19 11.95
CA ARG B 115 -8.53 14.03 11.13
C ARG B 115 -7.31 13.22 10.72
N THR B 116 -7.18 12.06 11.30
CA THR B 116 -6.04 11.18 10.98
C THR B 116 -6.49 9.86 10.38
N ILE B 117 -7.79 9.67 10.18
CA ILE B 117 -8.31 8.41 9.60
C ILE B 117 -9.31 8.81 8.53
N GLN B 118 -9.06 8.44 7.29
CA GLN B 118 -10.00 8.76 6.14
C GLN B 118 -9.88 7.65 5.08
N THR B 119 -10.86 7.46 4.23
CA THR B 119 -10.70 6.36 3.22
C THR B 119 -10.10 7.00 1.96
N ILE B 120 -9.63 6.19 1.05
CA ILE B 120 -9.04 6.71 -0.21
C ILE B 120 -10.07 6.21 -1.27
N CYS B 121 -10.11 6.85 -2.40
CA CYS B 121 -11.06 6.42 -3.45
C CYS B 121 -10.51 5.36 -4.39
N LEU B 122 -11.40 4.57 -4.91
CA LEU B 122 -10.95 3.49 -5.85
C LEU B 122 -11.21 4.09 -7.22
N PRO B 123 -10.44 3.68 -8.19
CA PRO B 123 -10.69 4.08 -9.59
C PRO B 123 -11.93 3.40 -10.16
N SER B 124 -12.22 3.77 -11.36
CA SER B 124 -13.39 3.21 -12.07
C SER B 124 -12.73 2.15 -12.96
N MET B 125 -13.55 1.24 -13.37
CA MET B 125 -13.16 0.10 -14.25
C MET B 125 -12.05 0.45 -15.25
N TYR B 126 -10.91 -0.17 -15.05
CA TYR B 126 -9.69 0.01 -15.92
C TYR B 126 -9.32 1.46 -16.24
N ASN B 127 -9.66 2.37 -15.36
CA ASN B 127 -9.32 3.81 -15.61
C ASN B 127 -8.10 4.12 -14.77
N ASP B 128 -7.10 4.66 -15.40
CA ASP B 128 -5.81 5.02 -14.74
C ASP B 128 -5.40 6.44 -15.17
N PRO B 129 -4.56 7.10 -14.40
CA PRO B 129 -3.89 8.34 -14.89
C PRO B 129 -2.98 7.96 -16.09
N GLN B 130 -2.50 8.97 -16.76
CA GLN B 130 -1.61 8.77 -17.95
C GLN B 130 -0.19 8.72 -17.43
N PHE B 131 0.70 8.12 -18.18
CA PHE B 131 2.09 8.07 -17.67
C PHE B 131 2.48 9.55 -17.61
N GLY B 132 3.38 9.88 -16.71
CA GLY B 132 3.82 11.28 -16.54
C GLY B 132 3.21 11.79 -15.23
N THR B 133 1.98 11.41 -14.96
CA THR B 133 1.31 11.86 -13.69
C THR B 133 2.24 11.61 -12.46
N SER B 134 2.28 12.54 -11.54
CA SER B 134 3.14 12.37 -10.34
C SER B 134 2.14 11.83 -9.33
N CYS B 135 2.55 10.82 -8.62
CA CYS B 135 1.70 10.18 -7.59
C CYS B 135 2.58 10.12 -6.35
N GLU B 136 1.97 9.88 -5.23
CA GLU B 136 2.79 9.80 -3.99
C GLU B 136 2.66 8.41 -3.39
N ILE B 137 3.71 7.96 -2.78
CA ILE B 137 3.71 6.62 -2.16
C ILE B 137 4.04 6.98 -0.72
N THR B 138 3.62 6.16 0.18
CA THR B 138 3.88 6.41 1.60
C THR B 138 4.20 5.07 2.29
N GLY B 139 4.85 5.15 3.42
CA GLY B 139 5.19 3.90 4.15
C GLY B 139 6.35 4.02 5.11
N PHE B 140 6.55 2.94 5.82
CA PHE B 140 7.61 2.80 6.84
C PHE B 140 8.75 1.90 6.36
N GLY B 141 8.83 1.65 5.09
CA GLY B 141 9.91 0.77 4.54
C GLY B 141 11.27 1.41 4.69
N LYS B 142 12.25 0.63 4.33
CA LYS B 142 13.67 1.05 4.40
C LYS B 142 13.97 2.35 3.71
N GLU B 143 15.00 2.98 4.23
CA GLU B 143 15.47 4.29 3.69
C GLU B 143 16.69 4.07 2.82
N ALA B 144 17.25 2.89 2.89
CA ALA B 144 18.45 2.49 2.09
C ALA B 144 18.28 1.00 1.94
N SER B 145 18.60 0.40 0.83
CA SER B 145 18.41 -1.07 0.72
C SER B 145 19.33 -1.85 1.67
N THR B 146 20.42 -1.27 2.08
CA THR B 146 21.35 -1.99 3.01
C THR B 146 20.88 -1.90 4.49
N ASP B 147 19.91 -1.08 4.78
CA ASP B 147 19.45 -0.98 6.21
C ASP B 147 18.81 -2.30 6.62
N TYR B 148 18.72 -2.53 7.91
CA TYR B 148 18.09 -3.79 8.40
C TYR B 148 17.04 -3.42 9.47
N LEU B 149 16.71 -2.15 9.52
CA LEU B 149 15.70 -1.57 10.47
C LEU B 149 14.83 -0.63 9.60
N TYR B 150 13.68 -0.32 10.11
CA TYR B 150 12.71 0.60 9.43
C TYR B 150 12.70 1.92 10.25
N PRO B 151 12.44 3.02 9.58
CA PRO B 151 12.28 4.32 10.27
C PRO B 151 11.13 4.31 11.25
N GLU B 152 11.25 5.15 12.24
CA GLU B 152 10.18 5.23 13.28
C GLU B 152 9.16 6.24 12.83
N GLN B 153 9.52 7.10 11.91
CA GLN B 153 8.57 8.15 11.42
C GLN B 153 8.12 7.81 10.01
N LEU B 154 6.86 8.07 9.78
CA LEU B 154 6.25 7.81 8.45
C LEU B 154 6.92 8.70 7.39
N LYS B 155 7.01 8.16 6.21
CA LYS B 155 7.62 8.88 5.07
C LYS B 155 6.71 8.83 3.86
N MET B 156 6.99 9.74 2.98
CA MET B 156 6.23 9.90 1.72
C MET B 156 7.19 10.48 0.69
N THR B 157 6.91 10.26 -0.56
CA THR B 157 7.77 10.82 -1.64
C THR B 157 6.80 10.87 -2.84
N VAL B 158 7.30 11.37 -3.95
CA VAL B 158 6.50 11.48 -5.18
C VAL B 158 7.29 10.86 -6.32
N VAL B 159 6.63 10.09 -7.12
CA VAL B 159 7.25 9.41 -8.29
C VAL B 159 6.28 9.65 -9.45
N LYS B 160 6.68 9.36 -10.64
CA LYS B 160 5.81 9.55 -11.81
C LYS B 160 5.52 8.19 -12.40
N LEU B 161 4.40 8.12 -13.01
CA LEU B 161 4.00 6.82 -13.64
C LEU B 161 4.78 6.76 -14.97
N ILE B 162 5.20 5.58 -15.37
CA ILE B 162 5.93 5.46 -16.66
C ILE B 162 5.04 4.48 -17.50
N SER B 163 5.23 4.43 -18.79
CA SER B 163 4.40 3.53 -19.64
C SER B 163 4.84 2.07 -19.56
N HIS B 164 4.03 1.17 -20.06
CA HIS B 164 4.42 -0.25 -20.01
C HIS B 164 5.55 -0.37 -21.04
N ARG B 165 5.42 0.28 -22.17
CA ARG B 165 6.51 0.20 -23.20
C ARG B 165 7.89 0.46 -22.57
N GLU B 166 7.95 1.48 -21.75
CA GLU B 166 9.23 1.88 -21.08
C GLU B 166 9.65 0.81 -20.06
N CYS B 167 8.72 0.35 -19.30
CA CYS B 167 9.03 -0.67 -18.26
C CYS B 167 9.34 -2.06 -18.78
N GLN B 168 8.73 -2.42 -19.88
CA GLN B 168 8.95 -3.77 -20.46
C GLN B 168 10.12 -3.73 -21.40
N GLN B 169 10.92 -2.69 -21.28
CA GLN B 169 12.07 -2.66 -22.19
C GLN B 169 13.00 -3.73 -21.59
N PRO B 170 13.70 -4.48 -22.41
CA PRO B 170 14.67 -5.49 -21.94
C PRO B 170 15.63 -5.02 -20.85
N HIS B 171 16.08 -3.79 -20.87
CA HIS B 171 17.02 -3.37 -19.79
C HIS B 171 16.32 -2.86 -18.55
N TYR B 172 15.04 -3.09 -18.51
CA TYR B 172 14.22 -2.65 -17.33
C TYR B 172 13.74 -4.04 -16.82
N TYR B 173 12.49 -4.38 -16.98
CA TYR B 173 12.01 -5.71 -16.49
C TYR B 173 11.53 -6.64 -17.60
N GLY B 174 11.65 -6.25 -18.84
CA GLY B 174 11.17 -7.18 -19.91
C GLY B 174 9.70 -7.54 -19.71
N SER B 175 9.30 -8.71 -20.12
CA SER B 175 7.86 -9.08 -19.94
C SER B 175 7.50 -9.61 -18.54
N GLU B 176 8.24 -9.15 -17.55
CA GLU B 176 7.93 -9.62 -16.16
C GLU B 176 6.78 -8.72 -15.70
N VAL B 177 6.65 -7.59 -16.36
CA VAL B 177 5.59 -6.60 -16.05
C VAL B 177 4.45 -6.93 -17.01
N THR B 178 3.27 -7.09 -16.48
CA THR B 178 2.10 -7.41 -17.32
C THR B 178 1.16 -6.20 -17.31
N THR B 179 0.02 -6.35 -17.93
CA THR B 179 -1.00 -5.27 -18.03
C THR B 179 -1.69 -5.01 -16.68
N LYS B 180 -1.52 -5.93 -15.78
CA LYS B 180 -2.15 -5.79 -14.43
C LYS B 180 -1.20 -5.17 -13.41
N MET B 181 -0.15 -4.61 -13.92
CA MET B 181 0.88 -3.95 -13.08
C MET B 181 1.06 -2.54 -13.68
N LEU B 182 1.71 -1.70 -12.93
CA LEU B 182 2.01 -0.30 -13.32
C LEU B 182 3.43 -0.09 -12.78
N CYS B 183 4.20 0.75 -13.40
CA CYS B 183 5.58 1.03 -12.94
C CYS B 183 5.60 2.53 -12.71
N ALA B 184 6.35 2.92 -11.71
CA ALA B 184 6.47 4.36 -11.37
C ALA B 184 7.90 4.62 -10.95
N ALA B 185 8.50 5.70 -11.34
CA ALA B 185 9.91 5.95 -10.91
C ALA B 185 10.14 7.46 -10.80
N ASP B 186 11.32 7.81 -10.41
CA ASP B 186 11.69 9.24 -10.25
C ASP B 186 12.54 9.38 -11.52
N PRO B 187 12.34 10.43 -12.29
CA PRO B 187 13.11 10.75 -13.52
C PRO B 187 14.62 10.57 -13.35
N GLN B 188 15.03 11.00 -12.21
CA GLN B 188 16.47 10.91 -11.86
C GLN B 188 16.76 9.79 -10.86
N TRP B 189 15.94 8.78 -10.87
CA TRP B 189 16.03 7.58 -9.96
C TRP B 189 16.60 7.93 -8.54
N LYS B 190 16.05 8.95 -7.95
CA LYS B 190 16.53 9.39 -6.60
C LYS B 190 15.66 8.93 -5.41
N THR B 191 14.39 8.80 -5.62
CA THR B 191 13.50 8.36 -4.51
C THR B 191 12.72 7.16 -5.09
N ASP B 192 12.20 6.34 -4.23
CA ASP B 192 11.44 5.11 -4.66
C ASP B 192 10.89 4.41 -3.41
N SER B 193 10.13 3.36 -3.65
CA SER B 193 9.52 2.51 -2.58
C SER B 193 10.66 1.49 -2.32
N CYS B 194 10.51 0.69 -1.30
CA CYS B 194 11.56 -0.31 -0.98
C CYS B 194 10.89 -1.29 -0.04
N GLN B 195 11.68 -2.27 0.32
CA GLN B 195 11.29 -3.37 1.25
C GLN B 195 10.71 -2.68 2.47
N GLY B 196 9.63 -3.18 2.97
CA GLY B 196 8.92 -2.63 4.15
C GLY B 196 7.79 -1.70 3.66
N ASP B 197 7.82 -1.32 2.40
CA ASP B 197 6.73 -0.41 1.89
C ASP B 197 5.64 -1.23 1.22
N SER B 198 5.87 -2.51 1.08
CA SER B 198 4.87 -3.42 0.45
C SER B 198 3.46 -3.24 0.96
N GLY B 199 2.50 -3.39 0.07
CA GLY B 199 1.09 -3.25 0.49
C GLY B 199 0.57 -1.82 0.58
N GLY B 200 1.47 -0.88 0.66
CA GLY B 200 1.02 0.53 0.77
C GLY B 200 0.59 1.15 -0.56
N PRO B 201 0.08 2.36 -0.49
CA PRO B 201 -0.58 2.99 -1.65
C PRO B 201 0.31 3.85 -2.56
N LEU B 202 -0.13 3.92 -3.78
CA LEU B 202 0.48 4.70 -4.90
C LEU B 202 -0.81 5.53 -5.08
N VAL B 203 -0.81 6.77 -4.68
CA VAL B 203 -2.05 7.62 -4.82
C VAL B 203 -1.81 8.74 -5.86
N CYS B 204 -2.74 8.81 -6.77
CA CYS B 204 -2.70 9.81 -7.88
C CYS B 204 -4.05 10.48 -7.96
N SER B 205 -4.15 11.60 -8.61
CA SER B 205 -5.49 12.22 -8.67
C SER B 205 -6.06 11.73 -9.99
N LEU B 206 -7.29 11.34 -9.98
CA LEU B 206 -7.96 10.84 -11.21
C LEU B 206 -9.29 11.53 -11.15
N GLN B 207 -9.64 12.12 -12.25
CA GLN B 207 -10.93 12.86 -12.39
C GLN B 207 -11.29 13.71 -11.19
N GLY B 208 -10.30 14.34 -10.64
CA GLY B 208 -10.55 15.22 -9.46
C GLY B 208 -10.35 14.62 -8.08
N ARG B 209 -10.32 13.31 -7.97
CA ARG B 209 -10.14 12.65 -6.62
C ARG B 209 -8.77 12.02 -6.42
N MET B 210 -8.44 11.82 -5.18
CA MET B 210 -7.12 11.20 -4.82
C MET B 210 -7.58 9.74 -4.86
N THR B 211 -7.04 9.05 -5.81
CA THR B 211 -7.34 7.63 -6.06
C THR B 211 -6.16 6.69 -5.72
N LEU B 212 -6.52 5.51 -5.30
CA LEU B 212 -5.47 4.50 -4.96
C LEU B 212 -5.24 3.93 -6.37
N THR B 213 -4.14 4.26 -7.00
CA THR B 213 -3.92 3.72 -8.37
C THR B 213 -3.06 2.47 -8.27
N GLY B 214 -2.16 2.37 -7.33
CA GLY B 214 -1.33 1.12 -7.24
C GLY B 214 -1.05 0.70 -5.79
N ILE B 215 -0.59 -0.51 -5.65
CA ILE B 215 -0.26 -1.05 -4.31
C ILE B 215 1.21 -1.40 -4.47
N VAL B 216 2.05 -1.02 -3.55
CA VAL B 216 3.50 -1.34 -3.66
C VAL B 216 3.56 -2.92 -3.72
N SER B 217 4.19 -3.45 -4.72
CA SER B 217 4.33 -4.94 -4.92
C SER B 217 5.80 -5.42 -5.03
N TRP B 218 6.60 -4.99 -5.99
CA TRP B 218 8.02 -5.47 -6.06
C TRP B 218 8.91 -4.49 -6.79
N GLY B 219 10.15 -4.85 -6.90
CA GLY B 219 11.11 -3.97 -7.61
C GLY B 219 12.49 -4.60 -7.46
N ARG B 220 13.41 -4.27 -8.32
CA ARG B 220 14.77 -4.85 -8.21
C ARG B 220 15.54 -3.75 -7.51
N GLY B 221 16.06 -4.07 -6.37
CA GLY B 221 16.83 -3.08 -5.60
C GLY B 221 15.87 -1.95 -5.28
N CYS B 222 16.41 -0.88 -4.82
CA CYS B 222 15.56 0.28 -4.48
C CYS B 222 16.31 1.47 -5.03
N ALA B 223 15.55 2.29 -5.69
CA ALA B 223 15.99 3.56 -6.36
C ALA B 223 17.14 3.20 -7.32
N LEU B 224 16.97 2.13 -8.02
CA LEU B 224 18.03 1.69 -8.98
C LEU B 224 17.61 2.17 -10.39
N LYS B 225 18.59 2.69 -11.06
CA LYS B 225 18.38 3.20 -12.45
C LYS B 225 17.79 2.07 -13.28
N ASP B 226 16.81 2.43 -14.07
CA ASP B 226 16.07 1.51 -14.98
C ASP B 226 15.43 0.33 -14.29
N LYS B 227 15.22 0.49 -13.02
CA LYS B 227 14.57 -0.55 -12.17
C LYS B 227 13.48 0.27 -11.43
N PRO B 228 12.36 0.48 -12.09
CA PRO B 228 11.19 1.15 -11.49
C PRO B 228 10.55 0.28 -10.39
N GLY B 229 9.59 0.84 -9.72
CA GLY B 229 8.91 0.08 -8.65
C GLY B 229 7.73 -0.43 -9.45
N VAL B 230 7.25 -1.61 -9.16
CA VAL B 230 6.08 -2.14 -9.92
C VAL B 230 4.95 -2.22 -8.86
N TYR B 231 3.79 -1.82 -9.25
CA TYR B 231 2.60 -1.79 -8.37
C TYR B 231 1.48 -2.59 -8.98
N THR B 232 0.61 -3.09 -8.13
CA THR B 232 -0.55 -3.88 -8.62
C THR B 232 -1.48 -2.77 -9.23
N ARG B 233 -2.01 -3.05 -10.37
CA ARG B 233 -2.91 -2.09 -11.08
C ARG B 233 -4.34 -2.29 -10.57
N VAL B 234 -4.63 -1.58 -9.53
CA VAL B 234 -5.94 -1.61 -8.86
C VAL B 234 -7.15 -1.54 -9.84
N SER B 235 -7.12 -0.65 -10.81
CA SER B 235 -8.25 -0.50 -11.80
C SER B 235 -8.62 -1.80 -12.50
N HIS B 236 -7.69 -2.72 -12.50
CA HIS B 236 -7.91 -4.04 -13.17
C HIS B 236 -8.42 -5.11 -12.20
N PHE B 237 -8.55 -4.75 -10.95
CA PHE B 237 -9.05 -5.73 -9.94
C PHE B 237 -10.41 -5.38 -9.43
N LEU B 238 -10.91 -4.25 -9.83
CA LEU B 238 -12.27 -3.84 -9.34
C LEU B 238 -13.33 -4.95 -9.27
N PRO B 239 -13.53 -5.78 -10.25
CA PRO B 239 -14.55 -6.86 -10.11
C PRO B 239 -14.24 -7.73 -8.88
N TRP B 240 -12.99 -8.11 -8.77
CA TRP B 240 -12.51 -8.95 -7.63
C TRP B 240 -12.81 -8.24 -6.32
N ILE B 241 -12.39 -7.00 -6.22
CA ILE B 241 -12.65 -6.25 -4.95
C ILE B 241 -14.17 -6.29 -4.71
N ARG B 242 -14.91 -5.88 -5.69
CA ARG B 242 -16.39 -5.88 -5.54
C ARG B 242 -16.91 -7.23 -5.04
N SER B 243 -16.62 -8.30 -5.73
CA SER B 243 -17.15 -9.60 -5.24
C SER B 243 -16.82 -9.92 -3.77
N HIS B 244 -15.94 -9.20 -3.12
CA HIS B 244 -15.63 -9.52 -1.70
C HIS B 244 -16.06 -8.45 -0.69
N THR B 245 -16.12 -7.23 -1.11
CA THR B 245 -16.51 -6.15 -0.18
C THR B 245 -18.03 -5.88 -0.19
N LYS B 246 -18.56 -5.47 0.94
CA LYS B 246 -20.03 -5.18 1.06
C LYS B 246 -20.21 -4.21 2.23
N GLU B 247 -21.37 -3.62 2.24
CA GLU B 247 -21.86 -2.61 3.26
C GLU B 247 -20.82 -1.65 3.88
N GLU B 248 -21.21 -1.09 4.99
CA GLU B 248 -20.38 -0.13 5.77
C GLU B 248 -20.05 -0.95 6.98
#